data_2FYL
#
_entry.id   2FYL
#
loop_
_entity.id
_entity.type
_entity.pdbx_description
1 polymer 'Alpha-2-macroglobulin receptor-associated protein'
2 polymer 'Low-density lipoprotein receptor-related protein 1'
3 non-polymer 'CALCIUM ION'
#
loop_
_entity_poly.entity_id
_entity_poly.type
_entity_poly.pdbx_seq_one_letter_code
_entity_poly.pdbx_strand_id
1 'polypeptide(L)'
;GEEFRMEKLNQLWEKAQRLHLPPVRLAELHADLKIQERDELAWKKLKLDGLDEDGEKEARLIRNLNVILAKYGLDGKKDA
R
;
A
2 'polypeptide(L)'
;SARTCPPNQFSCASGRCIPISWTCDLDDDCGDRSDESASCAYPTCFPLTQFTCNNGRCININWRCDNDNDCGDNSDEAGC
SH
;
B
#
loop_
_chem_comp.id
_chem_comp.type
_chem_comp.name
_chem_comp.formula
CA non-polymer 'CALCIUM ION' 'Ca 2'
#
# COMPACT_ATOMS: atom_id res chain seq x y z
N GLY A 1 -6.54 12.56 -2.34
CA GLY A 1 -6.54 13.29 -3.63
C GLY A 1 -5.13 13.54 -4.13
N GLU A 2 -4.74 14.81 -4.17
CA GLU A 2 -3.41 15.19 -4.63
C GLU A 2 -2.35 14.80 -3.61
N GLU A 3 -2.72 14.85 -2.34
CA GLU A 3 -1.81 14.48 -1.27
C GLU A 3 -1.79 12.96 -1.15
N PHE A 4 -2.96 12.39 -0.96
CA PHE A 4 -3.11 10.95 -0.84
C PHE A 4 -3.46 10.33 -2.18
N ARG A 5 -2.44 10.02 -2.97
CA ARG A 5 -2.65 9.41 -4.28
C ARG A 5 -2.45 7.90 -4.19
N MET A 6 -2.68 7.36 -3.01
CA MET A 6 -2.52 5.93 -2.78
C MET A 6 -3.71 5.36 -2.03
N GLU A 7 -4.34 4.35 -2.60
CA GLU A 7 -5.54 3.74 -2.02
C GLU A 7 -5.23 3.05 -0.68
N LYS A 8 -3.97 2.67 -0.47
CA LYS A 8 -3.60 2.00 0.78
C LYS A 8 -3.92 2.89 1.98
N LEU A 9 -3.55 4.17 1.89
CA LEU A 9 -3.81 5.11 2.97
C LEU A 9 -5.28 5.53 2.99
N ASN A 10 -5.85 5.66 1.81
CA ASN A 10 -7.25 6.08 1.66
C ASN A 10 -8.20 5.13 2.40
N GLN A 11 -8.07 3.84 2.13
CA GLN A 11 -8.93 2.84 2.74
C GLN A 11 -8.73 2.73 4.25
N LEU A 12 -7.50 2.92 4.70
CA LEU A 12 -7.21 2.85 6.14
C LEU A 12 -7.77 4.08 6.86
N TRP A 13 -7.65 5.23 6.23
CA TRP A 13 -8.13 6.49 6.78
C TRP A 13 -9.65 6.45 7.00
N GLU A 14 -10.36 5.99 5.99
CA GLU A 14 -11.82 5.91 6.07
C GLU A 14 -12.27 4.81 7.02
N LYS A 15 -11.47 3.74 7.13
CA LYS A 15 -11.82 2.64 8.02
C LYS A 15 -11.97 3.14 9.45
N ALA A 16 -11.03 3.99 9.86
CA ALA A 16 -11.06 4.56 11.21
C ALA A 16 -12.31 5.41 11.40
N GLN A 17 -12.67 6.16 10.36
CA GLN A 17 -13.85 7.02 10.40
C GLN A 17 -15.13 6.17 10.46
N ARG A 18 -15.13 5.06 9.75
CA ARG A 18 -16.28 4.16 9.71
C ARG A 18 -16.47 3.48 11.05
N LEU A 19 -15.40 3.39 11.82
CA LEU A 19 -15.46 2.78 13.14
C LEU A 19 -15.85 3.82 14.18
N HIS A 20 -15.93 5.07 13.72
CA HIS A 20 -16.31 6.22 14.55
C HIS A 20 -15.24 6.58 15.57
N LEU A 21 -14.55 7.69 15.30
CA LEU A 21 -13.50 8.18 16.18
C LEU A 21 -13.55 9.71 16.23
N PRO A 22 -13.21 10.31 17.38
CA PRO A 22 -13.22 11.77 17.55
C PRO A 22 -12.11 12.45 16.74
N PRO A 23 -12.31 13.74 16.41
CA PRO A 23 -11.36 14.54 15.62
C PRO A 23 -9.96 14.54 16.23
N VAL A 24 -9.87 14.59 17.55
CA VAL A 24 -8.58 14.60 18.24
C VAL A 24 -7.78 13.33 17.91
N ARG A 25 -8.48 12.22 17.69
CA ARG A 25 -7.86 10.96 17.35
C ARG A 25 -7.53 10.92 15.87
N LEU A 26 -8.45 11.44 15.07
CA LEU A 26 -8.28 11.47 13.63
C LEU A 26 -7.10 12.36 13.25
N ALA A 27 -6.91 13.44 14.00
CA ALA A 27 -5.80 14.36 13.76
C ALA A 27 -4.47 13.67 13.99
N GLU A 28 -4.33 13.03 15.15
CA GLU A 28 -3.10 12.33 15.48
C GLU A 28 -2.87 11.17 14.50
N LEU A 29 -3.94 10.45 14.18
CA LEU A 29 -3.86 9.33 13.27
C LEU A 29 -3.42 9.80 11.89
N HIS A 30 -4.00 10.90 11.42
CA HIS A 30 -3.65 11.45 10.12
C HIS A 30 -2.17 11.82 10.10
N ALA A 31 -1.70 12.37 11.20
CA ALA A 31 -0.30 12.75 11.33
C ALA A 31 0.59 11.52 11.30
N ASP A 32 0.20 10.51 12.08
CA ASP A 32 0.94 9.25 12.15
C ASP A 32 0.99 8.58 10.78
N LEU A 33 -0.14 8.64 10.07
CA LEU A 33 -0.24 8.05 8.74
C LEU A 33 0.73 8.71 7.78
N LYS A 34 0.88 10.03 7.91
CA LYS A 34 1.79 10.78 7.06
C LYS A 34 3.23 10.33 7.26
N ILE A 35 3.55 9.95 8.50
CA ILE A 35 4.88 9.49 8.83
C ILE A 35 5.15 8.14 8.16
N GLN A 36 4.11 7.33 8.06
CA GLN A 36 4.22 6.01 7.43
C GLN A 36 4.20 6.16 5.92
N GLU A 37 3.33 7.04 5.42
CA GLU A 37 3.19 7.30 4.00
C GLU A 37 4.55 7.61 3.36
N ARG A 38 5.16 8.68 3.81
CA ARG A 38 6.46 9.10 3.29
C ARG A 38 7.52 8.02 3.51
N ASP A 39 7.43 7.33 4.64
CA ASP A 39 8.40 6.29 4.97
C ASP A 39 8.34 5.14 3.98
N GLU A 40 7.12 4.67 3.69
CA GLU A 40 6.94 3.57 2.74
C GLU A 40 7.39 3.99 1.35
N LEU A 41 7.04 5.21 0.97
CA LEU A 41 7.41 5.74 -0.34
C LEU A 41 8.93 5.84 -0.46
N ALA A 42 9.57 6.30 0.60
CA ALA A 42 11.02 6.42 0.63
C ALA A 42 11.67 5.04 0.61
N TRP A 43 11.12 4.13 1.42
CA TRP A 43 11.62 2.77 1.51
C TRP A 43 11.53 2.06 0.16
N LYS A 44 10.48 2.37 -0.60
CA LYS A 44 10.28 1.77 -1.91
C LYS A 44 11.46 2.11 -2.83
N LYS A 45 11.79 3.39 -2.89
CA LYS A 45 12.89 3.84 -3.71
C LYS A 45 14.20 3.30 -3.16
N LEU A 46 14.29 3.25 -1.83
CA LEU A 46 15.47 2.73 -1.14
C LEU A 46 15.72 1.29 -1.54
N LYS A 47 14.68 0.47 -1.47
CA LYS A 47 14.77 -0.94 -1.83
C LYS A 47 15.27 -1.12 -3.26
N LEU A 48 14.75 -0.30 -4.18
CA LEU A 48 15.16 -0.37 -5.59
C LEU A 48 16.63 0.00 -5.72
N ASP A 49 17.05 0.97 -4.92
CA ASP A 49 18.43 1.44 -4.92
C ASP A 49 19.34 0.42 -4.24
N GLY A 50 18.74 -0.43 -3.42
CA GLY A 50 19.48 -1.46 -2.71
C GLY A 50 19.98 -0.99 -1.36
N LEU A 51 19.22 -0.09 -0.73
CA LEU A 51 19.60 0.43 0.58
C LEU A 51 19.13 -0.46 1.72
N ASP A 52 17.99 -1.10 1.54
CA ASP A 52 17.45 -1.97 2.58
C ASP A 52 16.93 -3.26 1.97
N GLU A 53 17.65 -4.35 2.21
CA GLU A 53 17.27 -5.66 1.71
C GLU A 53 17.06 -6.64 2.85
N ASP A 54 17.63 -6.32 4.00
CA ASP A 54 17.51 -7.16 5.19
C ASP A 54 16.19 -6.91 5.89
N GLY A 55 15.59 -5.76 5.62
CA GLY A 55 14.31 -5.42 6.23
C GLY A 55 14.47 -4.74 7.57
N GLU A 56 15.44 -3.85 7.67
CA GLU A 56 15.69 -3.14 8.92
C GLU A 56 14.72 -1.98 9.06
N LYS A 57 14.55 -1.22 7.98
CA LYS A 57 13.64 -0.07 7.99
C LYS A 57 12.22 -0.51 8.27
N GLU A 58 11.81 -1.62 7.66
CA GLU A 58 10.46 -2.12 7.86
C GLU A 58 10.30 -2.64 9.28
N ALA A 59 11.35 -3.23 9.83
CA ALA A 59 11.32 -3.74 11.20
C ALA A 59 11.04 -2.58 12.16
N ARG A 60 11.65 -1.45 11.84
CA ARG A 60 11.48 -0.23 12.63
C ARG A 60 10.03 0.23 12.52
N LEU A 61 9.49 0.12 11.31
CA LEU A 61 8.10 0.50 11.05
C LEU A 61 7.15 -0.36 11.87
N ILE A 62 7.43 -1.66 11.92
CA ILE A 62 6.61 -2.59 12.68
C ILE A 62 6.59 -2.21 14.15
N ARG A 63 7.76 -1.82 14.68
CA ARG A 63 7.86 -1.42 16.07
C ARG A 63 6.98 -0.19 16.32
N ASN A 64 7.01 0.74 15.38
CA ASN A 64 6.20 1.95 15.50
C ASN A 64 4.72 1.60 15.33
N LEU A 65 4.45 0.64 14.46
CA LEU A 65 3.09 0.19 14.21
C LEU A 65 2.50 -0.43 15.46
N ASN A 66 3.35 -1.09 16.25
CA ASN A 66 2.91 -1.70 17.51
C ASN A 66 2.39 -0.62 18.43
N VAL A 67 3.08 0.52 18.46
CA VAL A 67 2.68 1.66 19.27
C VAL A 67 1.33 2.18 18.78
N ILE A 68 1.20 2.27 17.46
CA ILE A 68 -0.02 2.75 16.82
C ILE A 68 -1.19 1.80 17.12
N LEU A 69 -0.95 0.51 17.00
CA LEU A 69 -1.98 -0.50 17.24
C LEU A 69 -2.42 -0.48 18.70
N ALA A 70 -1.48 -0.25 19.61
CA ALA A 70 -1.79 -0.19 21.03
C ALA A 70 -2.36 1.17 21.42
N LYS A 71 -2.32 2.11 20.48
CA LYS A 71 -2.83 3.45 20.74
C LYS A 71 -4.21 3.67 20.13
N TYR A 72 -4.42 3.16 18.93
CA TYR A 72 -5.71 3.35 18.26
C TYR A 72 -6.50 2.05 18.13
N GLY A 73 -5.83 0.91 18.26
CA GLY A 73 -6.49 -0.38 18.14
C GLY A 73 -7.27 -0.53 16.84
N LEU A 74 -6.56 -0.49 15.72
CA LEU A 74 -7.21 -0.57 14.42
C LEU A 74 -6.96 -1.91 13.73
N ASP A 75 -6.79 -2.98 14.51
CA ASP A 75 -6.56 -4.30 13.94
C ASP A 75 -7.90 -5.00 13.69
N GLY A 76 -7.85 -6.17 13.08
CA GLY A 76 -9.07 -6.91 12.80
C GLY A 76 -8.80 -8.37 12.57
N LYS A 77 -9.41 -9.22 13.41
CA LYS A 77 -9.24 -10.67 13.33
C LYS A 77 -7.77 -11.06 13.32
N LYS A 78 -7.02 -10.57 14.30
CA LYS A 78 -5.59 -10.84 14.41
C LYS A 78 -5.33 -12.34 14.59
N ASP A 79 -6.34 -13.04 15.12
CA ASP A 79 -6.26 -14.48 15.36
C ASP A 79 -7.67 -15.03 15.53
N ALA A 80 -8.38 -14.50 16.49
CA ALA A 80 -9.75 -14.92 16.76
C ALA A 80 -10.69 -13.74 16.58
N ARG A 81 -10.28 -12.59 17.09
CA ARG A 81 -11.08 -11.39 16.98
C ARG A 81 -10.16 -10.20 16.71
N SER B 1 22.79 4.52 -25.35
CA SER B 1 22.32 3.15 -25.06
C SER B 1 20.79 3.10 -25.06
N ALA B 2 20.23 1.91 -24.85
CA ALA B 2 18.79 1.76 -24.82
C ALA B 2 18.24 2.21 -23.49
N ARG B 3 18.80 1.66 -22.42
CA ARG B 3 18.41 2.00 -21.05
C ARG B 3 16.91 1.77 -20.84
N THR B 4 16.36 0.75 -21.47
CA THR B 4 14.93 0.47 -21.36
C THR B 4 14.64 -0.87 -20.68
N CYS B 5 15.68 -1.67 -20.46
CA CYS B 5 15.55 -2.98 -19.82
C CYS B 5 14.83 -3.97 -20.75
N PRO B 6 15.17 -5.28 -20.65
CA PRO B 6 14.55 -6.33 -21.48
C PRO B 6 13.01 -6.35 -21.36
N PRO B 7 12.31 -6.91 -22.37
CA PRO B 7 10.84 -6.98 -22.39
C PRO B 7 10.23 -7.73 -21.21
N ASN B 8 11.03 -8.55 -20.54
CA ASN B 8 10.56 -9.30 -19.39
C ASN B 8 10.51 -8.40 -18.16
N GLN B 9 11.12 -7.24 -18.28
CA GLN B 9 11.17 -6.27 -17.22
C GLN B 9 10.87 -4.89 -17.79
N PHE B 10 11.20 -3.86 -17.05
CA PHE B 10 10.92 -2.51 -17.47
C PHE B 10 11.93 -1.55 -16.83
N SER B 11 12.06 -0.35 -17.38
CA SER B 11 13.01 0.61 -16.87
C SER B 11 12.34 1.73 -16.10
N CYS B 12 12.73 1.91 -14.85
CA CYS B 12 12.20 2.98 -14.03
C CYS B 12 12.69 4.32 -14.58
N ALA B 13 12.17 5.41 -14.00
CA ALA B 13 12.47 6.80 -14.39
C ALA B 13 13.80 7.02 -15.10
N SER B 14 14.89 6.92 -14.36
CA SER B 14 16.21 7.17 -14.90
C SER B 14 16.80 5.99 -15.68
N GLY B 15 15.96 5.24 -16.37
CA GLY B 15 16.45 4.12 -17.15
C GLY B 15 16.99 3.00 -16.29
N ARG B 16 16.31 2.74 -15.18
CA ARG B 16 16.71 1.68 -14.26
C ARG B 16 16.13 0.36 -14.75
N CYS B 17 15.97 -0.58 -13.84
CA CYS B 17 15.45 -1.88 -14.21
C CYS B 17 14.60 -2.47 -13.08
N ILE B 18 13.36 -2.78 -13.42
CA ILE B 18 12.42 -3.36 -12.49
C ILE B 18 11.58 -4.41 -13.24
N PRO B 19 11.15 -5.50 -12.60
CA PRO B 19 10.34 -6.53 -13.27
C PRO B 19 9.01 -5.96 -13.78
N ILE B 20 8.58 -6.43 -14.95
CA ILE B 20 7.35 -5.96 -15.58
C ILE B 20 6.14 -5.99 -14.63
N SER B 21 6.06 -7.07 -13.85
CA SER B 21 4.96 -7.27 -12.92
C SER B 21 4.90 -6.24 -11.79
N TRP B 22 5.88 -5.33 -11.72
CA TRP B 22 5.89 -4.32 -10.66
C TRP B 22 5.22 -3.03 -11.09
N THR B 23 5.04 -2.85 -12.39
CA THR B 23 4.45 -1.62 -12.92
C THR B 23 3.06 -1.41 -12.35
N CYS B 24 2.08 -1.76 -13.13
CA CYS B 24 0.70 -1.65 -12.75
C CYS B 24 0.28 -2.87 -11.95
N ASP B 25 0.35 -2.79 -10.64
CA ASP B 25 0.00 -3.93 -9.79
C ASP B 25 -0.75 -3.49 -8.55
N LEU B 26 -0.15 -2.53 -7.83
CA LEU B 26 -0.69 -1.99 -6.58
C LEU B 26 0.41 -1.28 -5.83
N ASP B 27 1.66 -1.62 -6.15
CA ASP B 27 2.80 -1.02 -5.50
C ASP B 27 3.39 0.11 -6.32
N ASP B 28 3.68 1.19 -5.62
CA ASP B 28 4.24 2.40 -6.20
C ASP B 28 5.76 2.33 -6.34
N ASP B 29 6.23 2.04 -7.55
CA ASP B 29 7.66 1.95 -7.81
C ASP B 29 8.17 3.29 -8.36
N CYS B 30 8.51 3.33 -9.65
CA CYS B 30 8.99 4.59 -10.25
C CYS B 30 9.13 4.55 -11.77
N GLY B 31 8.29 3.77 -12.45
CA GLY B 31 8.35 3.72 -13.90
C GLY B 31 8.30 5.11 -14.49
N ASP B 32 7.27 5.83 -14.14
CA ASP B 32 7.10 7.21 -14.56
C ASP B 32 7.44 8.05 -13.34
N ARG B 33 6.92 7.59 -12.21
CA ARG B 33 7.08 8.17 -10.90
C ARG B 33 6.81 7.10 -9.87
N SER B 34 5.77 6.32 -10.15
CA SER B 34 5.39 5.21 -9.30
C SER B 34 4.77 4.08 -10.13
N ASP B 35 4.83 4.23 -11.46
CA ASP B 35 4.27 3.26 -12.45
C ASP B 35 2.91 2.71 -12.04
N GLU B 36 2.13 3.51 -11.34
CA GLU B 36 0.82 3.09 -10.91
C GLU B 36 -0.24 3.97 -11.53
N SER B 37 -1.01 3.39 -12.45
CA SER B 37 -2.11 4.07 -13.13
C SER B 37 -1.62 4.92 -14.31
N ALA B 38 -0.68 5.81 -14.04
CA ALA B 38 -0.13 6.70 -15.06
C ALA B 38 0.92 6.01 -15.91
N SER B 39 0.65 4.76 -16.27
CA SER B 39 1.55 3.98 -17.09
C SER B 39 0.76 3.08 -18.03
N CYS B 40 0.02 2.15 -17.44
CA CYS B 40 -0.78 1.20 -18.22
C CYS B 40 -2.19 1.73 -18.46
N ALA B 41 -2.44 2.97 -18.02
CA ALA B 41 -3.75 3.62 -18.16
C ALA B 41 -4.77 2.99 -17.20
N TYR B 42 -4.31 1.98 -16.47
CA TYR B 42 -5.11 1.27 -15.47
C TYR B 42 -6.41 0.69 -16.05
N PRO B 43 -6.31 -0.38 -16.85
CA PRO B 43 -7.49 -1.04 -17.42
C PRO B 43 -8.17 -1.88 -16.34
N THR B 44 -9.12 -1.26 -15.63
CA THR B 44 -9.79 -1.92 -14.53
C THR B 44 -8.77 -2.25 -13.45
N CYS B 45 -7.89 -1.28 -13.22
CA CYS B 45 -6.81 -1.40 -12.25
C CYS B 45 -5.78 -2.42 -12.71
N PHE B 46 -6.14 -3.69 -12.67
CA PHE B 46 -5.27 -4.79 -13.06
C PHE B 46 -6.05 -6.11 -13.15
N PRO B 47 -6.29 -6.59 -14.37
CA PRO B 47 -7.03 -7.84 -14.60
C PRO B 47 -6.13 -9.07 -14.51
N LEU B 48 -5.29 -9.12 -13.48
CA LEU B 48 -4.38 -10.25 -13.30
C LEU B 48 -4.75 -11.06 -12.06
N THR B 49 -4.67 -10.40 -10.91
CA THR B 49 -4.97 -11.01 -9.62
C THR B 49 -5.61 -9.95 -8.77
N GLN B 50 -6.87 -9.66 -9.07
CA GLN B 50 -7.57 -8.59 -8.41
C GLN B 50 -8.85 -9.02 -7.71
N PHE B 51 -9.12 -8.32 -6.61
CA PHE B 51 -10.32 -8.48 -5.82
C PHE B 51 -10.96 -7.10 -5.75
N THR B 52 -12.25 -7.02 -5.51
CA THR B 52 -12.91 -5.73 -5.49
C THR B 52 -13.22 -5.26 -4.07
N CYS B 53 -12.46 -4.27 -3.61
CA CYS B 53 -12.66 -3.73 -2.28
C CYS B 53 -13.93 -2.90 -2.14
N ASN B 54 -13.96 -2.13 -1.05
CA ASN B 54 -15.07 -1.26 -0.67
C ASN B 54 -15.88 -0.70 -1.83
N ASN B 55 -17.00 -1.35 -2.06
CA ASN B 55 -17.99 -0.93 -3.05
C ASN B 55 -17.46 -0.84 -4.49
N GLY B 56 -16.53 -1.71 -4.86
CA GLY B 56 -16.05 -1.69 -6.23
C GLY B 56 -14.63 -1.20 -6.42
N ARG B 57 -13.83 -1.22 -5.36
CA ARG B 57 -12.45 -0.80 -5.48
C ARG B 57 -11.59 -1.97 -5.94
N CYS B 58 -10.31 -1.74 -6.18
CA CYS B 58 -9.45 -2.82 -6.62
C CYS B 58 -8.34 -3.09 -5.63
N ILE B 59 -8.29 -4.30 -5.09
CA ILE B 59 -7.23 -4.67 -4.17
C ILE B 59 -6.63 -6.00 -4.59
N ASN B 60 -5.54 -6.40 -3.95
CA ASN B 60 -4.89 -7.66 -4.27
C ASN B 60 -5.86 -8.81 -4.02
N ILE B 61 -5.95 -9.72 -4.98
CA ILE B 61 -6.85 -10.86 -4.87
C ILE B 61 -6.46 -11.77 -3.69
N ASN B 62 -5.20 -11.71 -3.31
CA ASN B 62 -4.71 -12.52 -2.22
C ASN B 62 -4.60 -11.73 -0.93
N TRP B 63 -5.66 -11.01 -0.59
CA TRP B 63 -5.69 -10.22 0.64
C TRP B 63 -6.61 -10.87 1.66
N ARG B 64 -7.18 -12.00 1.27
CA ARG B 64 -8.08 -12.75 2.13
C ARG B 64 -7.40 -13.04 3.46
N CYS B 65 -6.45 -13.96 3.43
CA CYS B 65 -5.64 -14.35 4.60
C CYS B 65 -6.45 -15.02 5.72
N ASP B 66 -7.31 -14.26 6.35
CA ASP B 66 -8.13 -14.74 7.47
C ASP B 66 -9.15 -15.80 7.05
N ASN B 67 -9.33 -15.96 5.75
CA ASN B 67 -10.25 -16.97 5.19
C ASN B 67 -11.71 -16.53 5.28
N ASP B 68 -11.94 -15.26 5.57
CA ASP B 68 -13.31 -14.76 5.64
C ASP B 68 -13.53 -13.75 4.52
N ASN B 69 -14.59 -12.96 4.64
CA ASN B 69 -14.92 -12.02 3.59
C ASN B 69 -14.40 -10.65 3.94
N ASP B 70 -13.61 -10.14 3.00
CA ASP B 70 -12.95 -8.87 3.14
C ASP B 70 -13.87 -7.69 2.81
N CYS B 71 -13.32 -6.70 2.11
CA CYS B 71 -14.03 -5.49 1.71
C CYS B 71 -15.46 -5.74 1.23
N GLY B 72 -16.28 -4.73 1.45
CA GLY B 72 -17.68 -4.76 1.07
C GLY B 72 -18.37 -3.53 1.61
N ASP B 73 -18.36 -3.44 2.93
CA ASP B 73 -18.92 -2.30 3.65
C ASP B 73 -17.78 -1.58 4.34
N ASN B 74 -16.74 -2.34 4.62
CA ASN B 74 -15.53 -1.85 5.24
C ASN B 74 -14.37 -2.41 4.42
N SER B 75 -13.14 -2.16 4.84
CA SER B 75 -11.99 -2.66 4.12
C SER B 75 -11.83 -4.18 4.30
N ASP B 76 -10.88 -4.77 3.57
CA ASP B 76 -10.63 -6.21 3.66
C ASP B 76 -10.41 -6.65 5.10
N GLU B 77 -9.46 -6.03 5.77
CA GLU B 77 -9.15 -6.39 7.14
C GLU B 77 -8.28 -5.34 7.79
N ALA B 78 -7.12 -5.14 7.18
CA ALA B 78 -6.12 -4.19 7.66
C ALA B 78 -5.49 -4.73 8.95
N GLY B 79 -5.63 -6.03 9.15
CA GLY B 79 -5.10 -6.68 10.33
C GLY B 79 -3.93 -7.58 10.00
N CYS B 80 -4.21 -8.72 9.38
CA CYS B 80 -3.17 -9.67 9.02
C CYS B 80 -2.55 -9.32 7.66
N SER B 81 -3.11 -8.30 7.01
CA SER B 81 -2.63 -7.86 5.70
C SER B 81 -1.18 -7.35 5.79
N HIS B 82 -0.98 -6.20 6.40
CA HIS B 82 0.35 -5.62 6.55
C HIS B 82 0.34 -4.55 7.64
CA CA C . 3.79 -0.83 -9.46
CA CA D . -8.89 -11.03 4.60
#